data_5X04
#
_entry.id   5X04
#
_cell.length_a   62.598
_cell.length_b   69.874
_cell.length_c   148.928
_cell.angle_alpha   90.00
_cell.angle_beta   90.00
_cell.angle_gamma   90.00
#
_symmetry.space_group_name_H-M   'P 21 21 21'
#
loop_
_entity.id
_entity.type
_entity.pdbx_description
1 polymer 'Dodecanoyl-[acyl-carrier-protein] hydrolase, chloroplastic'
2 water water
#
_entity_poly.entity_id   1
_entity_poly.type   'polypeptide(L)'
_entity_poly.pdbx_seq_one_letter_code
;ENLYFQSDDHFGLHGLVFRRTFAIRSYEVGPDRSTSILAVMNHMQEATLNHAKSVGILGDGFGTTLEMSKRDLMWVVRRT
HVAVERYPTWGDTVEVECWIGASGNNGMRRDFLVRDCKTGEILTRCTSLSVLMNTRTRRLSTIPDEVRGEIGPAFIDNVA
VKDDEIKKLQKLNDSTADYIQGGLTPRWNDLDVNQHVNNLKYVAWVFETVPDSIFESHHISSFTLEYRRECTRDSVLRSL
TTVSGGSSEAGLVCDHLLQLEGGSEVLRARTEWRPK
;
_entity_poly.pdbx_strand_id   A,B
#
# COMPACT_ATOMS: atom_id res chain seq x y z
N GLU A 1 31.15 -8.53 -14.65
CA GLU A 1 32.58 -8.29 -14.74
C GLU A 1 33.06 -7.49 -13.53
N ASN A 2 32.11 -6.99 -12.76
CA ASN A 2 32.39 -6.37 -11.47
C ASN A 2 32.25 -7.44 -10.38
N LEU A 3 33.36 -7.81 -9.77
CA LEU A 3 33.38 -8.91 -8.80
C LEU A 3 32.46 -8.68 -7.60
N TYR A 4 32.33 -7.42 -7.20
CA TYR A 4 31.56 -7.09 -6.00
C TYR A 4 30.07 -6.96 -6.30
N PHE A 5 29.69 -7.21 -7.55
CA PHE A 5 28.30 -7.25 -7.95
C PHE A 5 27.70 -8.60 -7.61
N GLN A 6 28.53 -9.64 -7.68
CA GLN A 6 28.09 -11.00 -7.42
C GLN A 6 27.80 -11.21 -5.93
N SER A 7 27.02 -12.25 -5.64
CA SER A 7 26.70 -12.60 -4.26
C SER A 7 27.95 -13.09 -3.53
N ASP A 8 27.86 -13.19 -2.21
CA ASP A 8 29.01 -13.51 -1.37
C ASP A 8 29.68 -14.83 -1.71
N ASP A 9 28.89 -15.86 -1.98
CA ASP A 9 29.42 -17.20 -2.18
C ASP A 9 29.98 -17.41 -3.59
N HIS A 10 29.86 -16.40 -4.45
CA HIS A 10 30.35 -16.50 -5.81
C HIS A 10 31.88 -16.39 -5.86
N PHE A 11 32.41 -15.39 -5.16
CA PHE A 11 33.85 -15.13 -5.16
C PHE A 11 34.45 -15.09 -3.76
N GLY A 12 33.63 -15.32 -2.74
CA GLY A 12 34.09 -15.29 -1.36
C GLY A 12 34.34 -13.87 -0.89
N LEU A 13 33.73 -12.92 -1.58
CA LEU A 13 33.83 -11.50 -1.28
C LEU A 13 32.56 -10.97 -0.60
N HIS A 14 32.71 -9.90 0.18
CA HIS A 14 31.55 -9.20 0.69
C HIS A 14 30.91 -8.40 -0.44
N GLY A 15 29.76 -8.89 -0.91
CA GLY A 15 29.13 -8.31 -2.08
C GLY A 15 28.49 -6.97 -1.73
N LEU A 16 28.28 -6.14 -2.74
CA LEU A 16 27.74 -4.80 -2.50
C LEU A 16 26.40 -4.59 -3.19
N VAL A 17 25.83 -5.67 -3.70
CA VAL A 17 24.50 -5.63 -4.29
C VAL A 17 23.51 -6.45 -3.48
N PHE A 18 22.45 -5.79 -3.00
CA PHE A 18 21.42 -6.49 -2.25
C PHE A 18 20.39 -7.12 -3.17
N ARG A 19 19.94 -8.31 -2.79
CA ARG A 19 18.95 -9.04 -3.56
C ARG A 19 17.86 -9.57 -2.64
N ARG A 20 16.63 -9.57 -3.14
CA ARG A 20 15.46 -9.99 -2.36
C ARG A 20 14.30 -10.32 -3.27
N THR A 21 13.60 -11.40 -2.96
CA THR A 21 12.45 -11.82 -3.74
C THR A 21 11.14 -11.29 -3.18
N PHE A 22 10.28 -10.77 -4.05
CA PHE A 22 8.92 -10.40 -3.68
C PHE A 22 7.89 -11.18 -4.50
N ALA A 23 6.92 -11.77 -3.81
CA ALA A 23 5.75 -12.31 -4.48
C ALA A 23 4.65 -11.26 -4.49
N ILE A 24 4.12 -10.96 -5.67
CA ILE A 24 3.10 -9.92 -5.80
C ILE A 24 1.85 -10.30 -5.02
N ARG A 25 1.39 -9.39 -4.18
CA ARG A 25 0.23 -9.63 -3.33
C ARG A 25 -1.05 -9.07 -3.96
N SER A 26 -2.19 -9.54 -3.48
CA SER A 26 -3.50 -9.19 -4.06
C SER A 26 -3.78 -7.69 -4.06
N TYR A 27 -3.53 -7.03 -2.93
CA TYR A 27 -3.84 -5.61 -2.79
C TYR A 27 -2.87 -4.70 -3.54
N GLU A 28 -1.87 -5.30 -4.19
CA GLU A 28 -0.89 -4.53 -4.94
C GLU A 28 -1.26 -4.38 -6.41
N VAL A 29 -2.31 -5.06 -6.84
CA VAL A 29 -2.71 -5.05 -8.25
C VAL A 29 -4.03 -4.30 -8.48
N GLY A 30 -4.10 -3.59 -9.59
CA GLY A 30 -5.30 -2.83 -9.94
C GLY A 30 -6.34 -3.74 -10.57
N PRO A 31 -7.49 -3.15 -10.94
CA PRO A 31 -8.59 -3.90 -11.56
C PRO A 31 -8.21 -4.56 -12.87
N ASP A 32 -7.13 -4.09 -13.49
CA ASP A 32 -6.63 -4.70 -14.72
C ASP A 32 -5.62 -5.81 -14.42
N ARG A 33 -5.52 -6.15 -13.14
CA ARG A 33 -4.64 -7.21 -12.63
C ARG A 33 -3.16 -6.88 -12.72
N SER A 34 -2.84 -5.64 -13.07
CA SER A 34 -1.44 -5.19 -13.10
C SER A 34 -1.04 -4.59 -11.77
N THR A 35 0.17 -4.93 -11.32
CA THR A 35 0.76 -4.29 -10.15
C THR A 35 0.85 -2.78 -10.41
N SER A 36 0.53 -1.98 -9.40
CA SER A 36 0.61 -0.54 -9.57
C SER A 36 2.06 -0.10 -9.45
N ILE A 37 2.38 1.03 -10.06
CA ILE A 37 3.73 1.58 -9.98
C ILE A 37 4.07 1.99 -8.55
N LEU A 38 3.03 2.24 -7.74
CA LEU A 38 3.24 2.57 -6.33
C LEU A 38 3.66 1.36 -5.52
N ALA A 39 3.22 0.17 -5.93
CA ALA A 39 3.65 -1.07 -5.29
C ALA A 39 5.09 -1.39 -5.68
N VAL A 40 5.42 -1.09 -6.93
CA VAL A 40 6.78 -1.30 -7.43
C VAL A 40 7.76 -0.40 -6.68
N MET A 41 7.38 0.86 -6.49
CA MET A 41 8.23 1.81 -5.78
C MET A 41 8.31 1.49 -4.29
N ASN A 42 7.24 0.94 -3.74
CA ASN A 42 7.28 0.41 -2.37
C ASN A 42 8.31 -0.71 -2.22
N HIS A 43 8.38 -1.58 -3.23
CA HIS A 43 9.32 -2.69 -3.23
C HIS A 43 10.75 -2.19 -3.19
N MET A 44 11.04 -1.18 -4.02
CA MET A 44 12.38 -0.65 -4.13
C MET A 44 12.81 0.11 -2.87
N GLN A 45 11.86 0.84 -2.28
CA GLN A 45 12.10 1.51 -1.01
C GLN A 45 12.47 0.53 0.08
N GLU A 46 11.74 -0.59 0.12
CA GLU A 46 11.99 -1.61 1.12
C GLU A 46 13.37 -2.22 0.91
N ALA A 47 13.73 -2.45 -0.35
CA ALA A 47 15.03 -3.01 -0.71
C ALA A 47 16.17 -2.04 -0.35
N THR A 48 15.89 -0.75 -0.49
CA THR A 48 16.80 0.30 -0.06
C THR A 48 17.29 0.09 1.37
N LEU A 49 16.33 0.01 2.29
CA LEU A 49 16.62 -0.10 3.72
C LEU A 49 17.33 -1.41 4.07
N ASN A 50 16.95 -2.48 3.37
CA ASN A 50 17.61 -3.77 3.55
C ASN A 50 19.06 -3.74 3.09
N HIS A 51 19.30 -3.06 1.97
CA HIS A 51 20.63 -2.94 1.38
C HIS A 51 21.65 -2.34 2.34
N ALA A 52 21.29 -1.21 2.97
CA ALA A 52 22.16 -0.53 3.92
C ALA A 52 22.65 -1.52 4.99
N LYS A 53 21.73 -2.34 5.48
CA LYS A 53 22.05 -3.34 6.49
C LYS A 53 23.02 -4.40 5.95
N SER A 54 22.84 -4.75 4.68
CA SER A 54 23.58 -5.87 4.08
C SER A 54 25.02 -5.53 3.70
N VAL A 55 25.31 -4.24 3.56
CA VAL A 55 26.66 -3.81 3.20
C VAL A 55 27.45 -3.29 4.39
N GLY A 56 26.90 -3.45 5.60
CA GLY A 56 27.55 -2.98 6.80
C GLY A 56 27.48 -1.47 6.92
N ILE A 57 26.28 -0.93 6.73
CA ILE A 57 26.04 0.49 6.90
C ILE A 57 25.10 0.60 8.08
N LEU A 58 25.38 1.62 8.87
CA LEU A 58 24.81 1.74 10.19
C LEU A 58 23.33 2.05 10.44
N GLY A 59 23.03 1.95 11.75
CA GLY A 59 21.76 2.10 12.41
C GLY A 59 20.90 3.27 11.97
N ASP A 60 19.64 2.92 11.75
CA ASP A 60 18.50 3.70 11.26
C ASP A 60 17.89 4.77 12.22
N GLY A 61 17.37 5.91 11.73
CA GLY A 61 17.56 6.44 10.38
C GLY A 61 16.53 6.45 9.24
N PHE A 62 16.46 5.36 8.46
CA PHE A 62 15.83 5.33 7.12
C PHE A 62 16.80 6.26 6.40
N GLY A 63 18.01 5.71 6.28
CA GLY A 63 19.29 6.39 6.45
C GLY A 63 19.75 5.65 7.69
N THR A 64 20.13 6.32 8.78
CA THR A 64 20.87 7.57 8.83
C THR A 64 22.10 7.23 9.68
N THR A 65 23.29 7.29 9.10
CA THR A 65 24.48 6.79 9.81
C THR A 65 24.83 7.64 11.03
N LEU A 66 25.79 7.18 11.84
CA LEU A 66 26.22 7.96 13.00
C LEU A 66 26.86 9.26 12.68
N GLU A 67 27.71 9.26 11.69
CA GLU A 67 28.39 10.47 11.40
C GLU A 67 27.39 11.47 10.88
N MET A 68 26.35 10.97 10.26
CA MET A 68 25.33 11.83 9.73
C MET A 68 24.54 12.31 10.89
N SER A 69 24.25 11.40 11.80
CA SER A 69 23.39 11.70 12.90
C SER A 69 24.04 12.64 13.86
N LYS A 70 25.36 12.67 13.86
CA LYS A 70 26.05 13.57 14.74
C LYS A 70 25.89 14.98 14.22
N ARG A 71 25.84 15.13 12.90
CA ARG A 71 25.87 16.42 12.24
C ARG A 71 24.47 16.87 11.86
N ASP A 72 23.48 16.22 12.47
CA ASP A 72 22.07 16.49 12.19
C ASP A 72 21.80 16.46 10.70
N LEU A 73 22.38 15.48 10.03
CA LEU A 73 22.20 15.33 8.59
C LEU A 73 21.26 14.18 8.29
N MET A 74 20.48 14.34 7.22
CA MET A 74 19.59 13.30 6.74
C MET A 74 19.58 13.25 5.22
N TRP A 75 19.25 12.09 4.67
CA TRP A 75 19.11 11.98 3.22
C TRP A 75 17.77 12.54 2.78
N VAL A 76 17.77 13.24 1.65
CA VAL A 76 16.53 13.67 1.03
C VAL A 76 16.59 13.34 -0.46
N VAL A 77 15.54 12.70 -0.97
CA VAL A 77 15.49 12.34 -2.37
C VAL A 77 15.20 13.58 -3.20
N ARG A 78 16.00 13.80 -4.24
CA ARG A 78 15.85 15.00 -5.06
C ARG A 78 15.50 14.65 -6.51
N ARG A 79 15.87 13.45 -6.95
CA ARG A 79 15.45 12.98 -8.27
C ARG A 79 15.19 11.48 -8.28
N THR A 80 14.16 11.09 -9.02
CA THR A 80 13.82 9.68 -9.20
C THR A 80 13.44 9.43 -10.65
N HIS A 81 14.02 8.39 -11.26
CA HIS A 81 13.60 7.96 -12.59
C HIS A 81 13.27 6.48 -12.61
N VAL A 82 12.06 6.16 -13.05
CA VAL A 82 11.62 4.77 -13.13
C VAL A 82 11.27 4.38 -14.56
N ALA A 83 11.90 3.32 -15.05
CA ALA A 83 11.58 2.78 -16.36
C ALA A 83 10.92 1.42 -16.20
N VAL A 84 9.69 1.29 -16.70
CA VAL A 84 8.95 0.05 -16.59
C VAL A 84 8.67 -0.60 -17.94
N GLU A 85 9.20 -1.81 -18.13
CA GLU A 85 8.93 -2.59 -19.34
C GLU A 85 7.58 -3.28 -19.23
N ARG A 86 7.42 -4.11 -18.20
CA ARG A 86 6.17 -4.83 -17.99
C ARG A 86 5.84 -4.91 -16.49
N TYR A 87 4.58 -4.68 -16.16
CA TYR A 87 4.10 -4.84 -14.78
C TYR A 87 3.72 -6.29 -14.50
N PRO A 88 4.23 -6.84 -13.39
CA PRO A 88 3.87 -8.21 -12.98
C PRO A 88 2.42 -8.29 -12.50
N THR A 89 1.89 -9.51 -12.41
CA THR A 89 0.52 -9.73 -11.96
C THR A 89 0.51 -10.52 -10.66
N TRP A 90 -0.68 -10.78 -10.13
CA TRP A 90 -0.82 -11.50 -8.87
C TRP A 90 -0.18 -12.88 -8.90
N GLY A 91 0.62 -13.18 -7.89
CA GLY A 91 1.23 -14.49 -7.81
C GLY A 91 2.62 -14.56 -8.44
N ASP A 92 2.91 -13.59 -9.31
CA ASP A 92 4.22 -13.51 -9.93
C ASP A 92 5.29 -13.28 -8.88
N THR A 93 6.46 -13.85 -9.12
CA THR A 93 7.59 -13.65 -8.23
C THR A 93 8.65 -12.80 -8.90
N VAL A 94 9.04 -11.72 -8.21
CA VAL A 94 10.04 -10.81 -8.74
C VAL A 94 11.25 -10.74 -7.82
N GLU A 95 12.39 -10.34 -8.37
CA GLU A 95 13.59 -10.15 -7.59
C GLU A 95 14.11 -8.73 -7.77
N VAL A 96 14.33 -8.03 -6.66
CA VAL A 96 14.87 -6.69 -6.75
C VAL A 96 16.38 -6.73 -6.56
N GLU A 97 17.10 -6.16 -7.50
CA GLU A 97 18.54 -6.01 -7.40
C GLU A 97 18.83 -4.53 -7.15
N CYS A 98 19.46 -4.22 -6.02
CA CYS A 98 19.72 -2.82 -5.70
C CYS A 98 21.10 -2.57 -5.12
N TRP A 99 21.61 -1.36 -5.34
CA TRP A 99 22.92 -0.95 -4.87
C TRP A 99 23.02 0.57 -4.83
N ILE A 100 24.10 1.07 -4.24
CA ILE A 100 24.32 2.51 -4.18
C ILE A 100 25.61 2.90 -4.90
N GLY A 101 25.75 4.18 -5.21
CA GLY A 101 26.91 4.67 -5.92
C GLY A 101 27.06 6.17 -5.79
N ALA A 102 28.25 6.67 -6.13
CA ALA A 102 28.52 8.09 -6.09
C ALA A 102 27.79 8.86 -7.19
N SER A 103 27.45 10.11 -6.90
CA SER A 103 26.89 11.02 -7.89
C SER A 103 27.55 12.38 -7.67
N GLY A 104 28.63 12.63 -8.40
CA GLY A 104 29.48 13.76 -8.10
C GLY A 104 30.11 13.58 -6.73
N ASN A 105 30.56 14.68 -6.14
CA ASN A 105 31.24 14.64 -4.85
C ASN A 105 30.28 14.65 -3.66
N ASN A 106 29.04 15.08 -3.90
CA ASN A 106 28.11 15.28 -2.80
C ASN A 106 26.73 14.67 -3.01
N GLY A 107 26.59 13.82 -4.03
CA GLY A 107 25.35 13.11 -4.23
C GLY A 107 25.53 11.61 -4.09
N MET A 108 24.46 10.92 -3.74
CA MET A 108 24.47 9.47 -3.70
C MET A 108 23.30 8.92 -4.51
N ARG A 109 23.57 7.97 -5.39
CA ARG A 109 22.52 7.38 -6.21
C ARG A 109 22.21 5.96 -5.78
N ARG A 110 20.92 5.61 -5.78
CA ARG A 110 20.48 4.25 -5.53
C ARG A 110 19.84 3.72 -6.80
N ASP A 111 20.32 2.57 -7.28
CA ASP A 111 19.81 2.02 -8.51
C ASP A 111 19.16 0.66 -8.29
N PHE A 112 18.17 0.35 -9.13
CA PHE A 112 17.33 -0.82 -8.92
C PHE A 112 17.09 -1.60 -10.20
N LEU A 113 17.14 -2.92 -10.10
CA LEU A 113 16.70 -3.79 -11.18
C LEU A 113 15.70 -4.80 -10.64
N VAL A 114 14.53 -4.86 -11.26
CA VAL A 114 13.52 -5.85 -10.86
C VAL A 114 13.27 -6.82 -12.00
N ARG A 115 13.48 -8.11 -11.73
CA ARG A 115 13.35 -9.14 -12.75
C ARG A 115 12.19 -10.08 -12.46
N ASP A 116 11.58 -10.61 -13.52
CA ASP A 116 10.59 -11.68 -13.41
C ASP A 116 11.33 -12.99 -13.16
N CYS A 117 11.06 -13.61 -12.02
CA CYS A 117 11.79 -14.82 -11.62
C CYS A 117 11.61 -16.02 -12.57
N LYS A 118 10.48 -16.09 -13.26
CA LYS A 118 10.21 -17.20 -14.18
C LYS A 118 10.84 -16.97 -15.55
N THR A 119 10.69 -15.75 -16.07
CA THR A 119 11.20 -15.43 -17.41
C THR A 119 12.60 -14.82 -17.39
N GLY A 120 13.03 -14.34 -16.23
CA GLY A 120 14.33 -13.69 -16.10
C GLY A 120 14.38 -12.32 -16.77
N GLU A 121 13.23 -11.90 -17.30
CA GLU A 121 13.07 -10.61 -17.95
C GLU A 121 13.14 -9.46 -16.96
N ILE A 122 13.77 -8.36 -17.36
CA ILE A 122 13.80 -7.15 -16.54
C ILE A 122 12.47 -6.41 -16.63
N LEU A 123 11.83 -6.18 -15.48
CA LEU A 123 10.55 -5.49 -15.44
C LEU A 123 10.69 -4.00 -15.14
N THR A 124 11.60 -3.68 -14.24
CA THR A 124 11.73 -2.30 -13.78
C THR A 124 13.18 -1.91 -13.63
N ARG A 125 13.49 -0.71 -14.12
CA ARG A 125 14.80 -0.11 -13.94
C ARG A 125 14.62 1.25 -13.28
N CYS A 126 15.45 1.57 -12.29
CA CYS A 126 15.29 2.81 -11.57
C CYS A 126 16.58 3.34 -10.96
N THR A 127 16.64 4.66 -10.81
CA THR A 127 17.71 5.31 -10.07
C THR A 127 17.17 6.51 -9.32
N SER A 128 17.61 6.67 -8.07
CA SER A 128 17.19 7.81 -7.26
C SER A 128 18.40 8.55 -6.72
N LEU A 129 18.35 9.88 -6.80
CA LEU A 129 19.44 10.71 -6.31
C LEU A 129 19.09 11.34 -4.97
N SER A 130 19.95 11.12 -3.99
CA SER A 130 19.77 11.71 -2.67
C SER A 130 20.92 12.65 -2.33
N VAL A 131 20.63 13.65 -1.50
CA VAL A 131 21.65 14.59 -1.05
C VAL A 131 21.49 14.79 0.46
N LEU A 132 22.53 15.32 1.10
CA LEU A 132 22.48 15.55 2.53
C LEU A 132 21.82 16.89 2.87
N MET A 133 20.96 16.88 3.88
CA MET A 133 20.33 18.09 4.36
C MET A 133 20.44 18.19 5.89
N ASN A 134 20.77 19.38 6.37
CA ASN A 134 20.76 19.65 7.80
C ASN A 134 19.33 19.77 8.31
N THR A 135 18.98 18.95 9.30
CA THR A 135 17.61 18.91 9.79
C THR A 135 17.23 20.17 10.56
N ARG A 136 18.24 20.83 11.14
CA ARG A 136 18.00 22.06 11.88
C ARG A 136 17.82 23.24 10.93
N THR A 137 18.81 23.45 10.07
CA THR A 137 18.82 24.62 9.20
C THR A 137 18.07 24.42 7.88
N ARG A 138 17.59 23.20 7.64
CA ARG A 138 16.89 22.87 6.39
C ARG A 138 17.71 23.27 5.17
N ARG A 139 19.03 23.18 5.31
CA ARG A 139 19.94 23.66 4.28
C ARG A 139 20.76 22.49 3.75
N LEU A 140 20.97 22.46 2.43
CA LEU A 140 21.79 21.41 1.82
C LEU A 140 23.21 21.40 2.38
N SER A 141 23.75 20.20 2.57
CA SER A 141 25.10 20.06 3.08
C SER A 141 25.94 19.25 2.11
N THR A 142 27.23 19.55 2.04
CA THR A 142 28.16 18.71 1.32
C THR A 142 28.34 17.42 2.11
N ILE A 143 28.97 16.42 1.51
CA ILE A 143 29.20 15.16 2.21
C ILE A 143 30.53 15.21 2.96
N PRO A 144 30.46 15.21 4.31
CA PRO A 144 31.67 15.21 5.14
C PRO A 144 32.43 13.91 4.99
N ASP A 145 33.75 13.97 5.18
CA ASP A 145 34.60 12.80 5.01
C ASP A 145 34.23 11.63 5.91
N GLU A 146 33.73 11.93 7.11
CA GLU A 146 33.32 10.90 8.05
C GLU A 146 32.14 10.09 7.51
N VAL A 147 31.31 10.74 6.69
CA VAL A 147 30.17 10.06 6.08
C VAL A 147 30.60 9.32 4.82
N ARG A 148 31.53 9.91 4.07
CA ARG A 148 32.08 9.26 2.90
C ARG A 148 32.82 7.98 3.31
N GLY A 149 33.41 8.00 4.50
CA GLY A 149 34.07 6.83 5.03
C GLY A 149 33.10 5.71 5.33
N GLU A 150 31.83 6.07 5.55
CA GLU A 150 30.80 5.10 5.86
C GLU A 150 30.16 4.47 4.62
N ILE A 151 29.80 5.31 3.64
CA ILE A 151 29.02 4.83 2.50
C ILE A 151 29.88 4.59 1.27
N GLY A 152 30.98 5.30 1.18
CA GLY A 152 31.88 5.14 0.06
C GLY A 152 32.40 3.75 -0.27
N PRO A 153 32.85 2.97 0.74
CA PRO A 153 33.30 1.62 0.43
C PRO A 153 32.17 0.72 -0.08
N ALA A 154 30.94 1.21 -0.03
CA ALA A 154 29.80 0.44 -0.52
C ALA A 154 29.47 0.79 -1.97
N PHE A 155 30.13 1.81 -2.50
CA PHE A 155 29.89 2.28 -3.86
C PHE A 155 30.32 1.26 -4.92
N ILE A 156 29.50 1.11 -5.96
CA ILE A 156 29.91 0.42 -7.18
C ILE A 156 29.50 1.28 -8.36
N ASP A 157 30.13 1.08 -9.51
CA ASP A 157 29.98 2.05 -10.61
C ASP A 157 28.86 1.71 -11.58
N ASN A 158 28.29 0.52 -11.45
CA ASN A 158 27.21 0.10 -12.35
C ASN A 158 25.97 1.00 -12.23
N VAL A 159 25.26 1.13 -13.35
CA VAL A 159 24.00 1.86 -13.37
C VAL A 159 22.87 1.04 -13.97
N ALA A 160 21.66 1.24 -13.46
CA ALA A 160 20.47 0.62 -14.04
C ALA A 160 19.88 1.54 -15.10
N VAL A 161 20.19 2.82 -14.99
CA VAL A 161 19.65 3.84 -15.89
C VAL A 161 20.75 4.81 -16.35
N LYS A 162 20.91 4.92 -17.67
CA LYS A 162 21.91 5.81 -18.25
C LYS A 162 21.42 7.25 -18.26
N ASP A 163 22.35 8.21 -18.14
CA ASP A 163 22.01 9.63 -18.19
C ASP A 163 21.14 10.00 -19.40
N ASP A 164 21.49 9.44 -20.56
CA ASP A 164 20.72 9.63 -21.80
C ASP A 164 19.21 9.56 -21.59
N GLU A 165 18.77 8.62 -20.75
CA GLU A 165 17.34 8.37 -20.59
C GLU A 165 16.66 9.38 -19.69
N ILE A 166 17.45 10.12 -18.90
CA ILE A 166 16.89 11.06 -17.95
C ILE A 166 16.96 12.48 -18.50
N LYS A 167 15.79 13.07 -18.73
CA LYS A 167 15.71 14.41 -19.27
C LYS A 167 15.33 15.42 -18.20
N LYS A 168 15.97 16.58 -18.24
CA LYS A 168 15.63 17.65 -17.31
C LYS A 168 14.20 18.07 -17.54
N LEU A 169 13.46 18.26 -16.46
CA LEU A 169 12.04 18.54 -16.61
C LEU A 169 11.69 20.03 -16.58
N GLN A 170 10.74 20.37 -17.44
CA GLN A 170 10.09 21.69 -17.45
C GLN A 170 8.83 21.73 -16.62
N LYS A 171 8.77 22.74 -15.77
CA LYS A 171 7.58 23.04 -15.00
C LYS A 171 6.43 23.42 -15.93
N LEU A 172 5.28 22.82 -15.67
CA LEU A 172 4.10 23.15 -16.45
C LEU A 172 3.55 24.51 -16.07
N ASN A 173 2.89 25.16 -17.01
CA ASN A 173 2.18 26.40 -16.75
C ASN A 173 0.95 26.11 -15.90
N ASP A 174 0.99 26.53 -14.65
CA ASP A 174 -0.06 26.19 -13.69
C ASP A 174 -1.38 26.91 -13.96
N SER A 175 -1.36 27.89 -14.86
CA SER A 175 -2.60 28.61 -15.20
C SER A 175 -3.35 27.97 -16.36
N THR A 176 -2.75 26.95 -16.98
CA THR A 176 -3.41 26.23 -18.07
C THR A 176 -3.41 24.72 -17.85
N ALA A 177 -3.36 24.30 -16.59
CA ALA A 177 -3.28 22.88 -16.26
C ALA A 177 -4.61 22.19 -16.54
N ASP A 178 -4.55 21.03 -17.18
CA ASP A 178 -5.75 20.27 -17.53
C ASP A 178 -6.50 19.78 -16.29
N TYR A 179 -5.76 19.42 -15.24
CA TYR A 179 -6.38 18.92 -14.03
C TYR A 179 -5.72 19.50 -12.79
N ILE A 180 -6.53 19.96 -11.84
CA ILE A 180 -6.04 20.62 -10.64
C ILE A 180 -6.82 20.15 -9.41
N GLN A 181 -6.11 19.94 -8.30
CA GLN A 181 -6.74 19.55 -7.06
C GLN A 181 -6.00 20.12 -5.85
N GLY A 182 -6.69 20.96 -5.08
CA GLY A 182 -6.08 21.60 -3.94
C GLY A 182 -6.56 21.02 -2.62
N GLY A 183 -6.13 21.64 -1.51
CA GLY A 183 -6.54 21.20 -0.20
C GLY A 183 -5.88 19.90 0.22
N LEU A 184 -4.87 19.48 -0.53
CA LEU A 184 -4.14 18.27 -0.21
C LEU A 184 -3.28 18.48 1.04
N THR A 185 -3.54 17.68 2.07
CA THR A 185 -2.86 17.84 3.35
C THR A 185 -2.46 16.48 3.90
N PRO A 186 -1.27 16.41 4.52
CA PRO A 186 -0.80 15.13 5.06
C PRO A 186 -1.44 14.85 6.41
N ARG A 187 -1.65 13.58 6.71
CA ARG A 187 -2.16 13.20 8.03
C ARG A 187 -1.01 12.60 8.85
N TRP A 188 -1.32 12.28 10.10
CA TRP A 188 -0.32 11.83 11.06
C TRP A 188 0.62 10.72 10.59
N ASN A 189 0.07 9.70 9.93
CA ASN A 189 0.88 8.57 9.49
C ASN A 189 1.64 8.85 8.19
N ASP A 190 1.36 9.99 7.56
CA ASP A 190 2.01 10.35 6.30
C ASP A 190 3.38 10.99 6.51
N LEU A 191 3.75 11.19 7.77
CA LEU A 191 4.99 11.89 8.10
C LEU A 191 6.12 10.90 8.41
N ASP A 192 7.37 11.35 8.27
CA ASP A 192 8.51 10.47 8.53
C ASP A 192 9.09 10.68 9.92
N VAL A 193 10.27 10.11 10.14
CA VAL A 193 10.92 10.14 11.43
C VAL A 193 11.20 11.58 11.90
N ASN A 194 11.48 12.49 10.96
CA ASN A 194 11.84 13.87 11.28
C ASN A 194 10.94 14.98 10.71
N GLN A 195 9.65 14.94 11.03
CA GLN A 195 8.70 16.06 10.78
C GLN A 195 8.24 16.15 9.32
N HIS A 196 8.79 15.30 8.47
CA HIS A 196 8.59 15.46 7.03
C HIS A 196 7.66 14.43 6.40
N VAL A 197 7.03 14.83 5.29
CA VAL A 197 6.08 13.98 4.60
C VAL A 197 6.78 12.86 3.83
N ASN A 198 6.22 11.66 3.91
CA ASN A 198 6.74 10.48 3.22
C ASN A 198 6.97 10.73 1.72
N ASN A 199 8.08 10.21 1.21
CA ASN A 199 8.40 10.37 -0.21
C ASN A 199 7.37 9.80 -1.19
N LEU A 200 6.75 8.69 -0.82
CA LEU A 200 5.74 8.07 -1.68
C LEU A 200 4.37 8.71 -1.54
N LYS A 201 4.20 9.53 -0.51
CA LYS A 201 2.99 10.33 -0.37
C LYS A 201 2.94 11.35 -1.49
N TYR A 202 4.11 11.90 -1.82
CA TYR A 202 4.25 12.83 -2.94
C TYR A 202 3.78 12.19 -4.25
N VAL A 203 4.20 10.95 -4.47
CA VAL A 203 3.83 10.21 -5.67
C VAL A 203 2.31 10.06 -5.76
N ALA A 204 1.69 9.76 -4.62
CA ALA A 204 0.24 9.63 -4.54
C ALA A 204 -0.46 10.93 -4.93
N TRP A 205 0.04 12.04 -4.40
CA TRP A 205 -0.50 13.36 -4.71
C TRP A 205 -0.34 13.73 -6.18
N VAL A 206 0.72 13.24 -6.79
CA VAL A 206 0.93 13.43 -8.22
C VAL A 206 -0.21 12.78 -9.01
N PHE A 207 -0.58 11.57 -8.62
CA PHE A 207 -1.59 10.78 -9.34
C PHE A 207 -3.01 11.27 -9.07
N GLU A 208 -3.16 12.12 -8.06
CA GLU A 208 -4.45 12.73 -7.73
C GLU A 208 -5.11 13.38 -8.96
N THR A 209 -4.29 14.03 -9.79
CA THR A 209 -4.81 14.76 -10.94
C THR A 209 -4.59 14.06 -12.27
N VAL A 210 -4.27 12.77 -12.23
CA VAL A 210 -4.28 11.97 -13.45
C VAL A 210 -5.67 11.38 -13.64
N PRO A 211 -6.31 11.68 -14.78
CA PRO A 211 -7.69 11.23 -14.98
C PRO A 211 -7.79 9.70 -15.10
N ASP A 212 -8.87 9.15 -14.56
CA ASP A 212 -9.11 7.71 -14.59
C ASP A 212 -9.09 7.13 -16.00
N SER A 213 -9.47 7.95 -16.98
CA SER A 213 -9.51 7.52 -18.38
C SER A 213 -8.13 7.13 -18.88
N ILE A 214 -7.09 7.75 -18.32
CA ILE A 214 -5.72 7.44 -18.70
C ILE A 214 -5.25 6.18 -17.97
N PHE A 215 -5.67 6.03 -16.71
CA PHE A 215 -5.37 4.82 -15.97
C PHE A 215 -6.04 3.58 -16.57
N GLU A 216 -7.22 3.76 -17.15
CA GLU A 216 -7.92 2.64 -17.77
C GLU A 216 -7.28 2.23 -19.09
N SER A 217 -6.81 3.22 -19.85
CA SER A 217 -6.31 2.98 -21.20
C SER A 217 -4.82 2.69 -21.26
N HIS A 218 -4.02 3.30 -20.39
CA HIS A 218 -2.58 3.25 -20.54
C HIS A 218 -1.84 2.75 -19.31
N HIS A 219 -0.64 2.23 -19.54
CA HIS A 219 0.31 1.89 -18.49
C HIS A 219 1.45 2.90 -18.48
N ILE A 220 1.93 3.27 -17.29
CA ILE A 220 3.12 4.10 -17.19
C ILE A 220 4.35 3.31 -17.65
N SER A 221 5.07 3.86 -18.62
CA SER A 221 6.31 3.23 -19.09
C SER A 221 7.54 3.96 -18.53
N SER A 222 7.35 5.25 -18.22
CA SER A 222 8.43 6.07 -17.71
C SER A 222 7.91 7.05 -16.66
N PHE A 223 8.68 7.24 -15.60
CA PHE A 223 8.29 8.14 -14.51
C PHE A 223 9.51 8.88 -14.00
N THR A 224 9.49 10.21 -14.14
CA THR A 224 10.60 11.05 -13.71
C THR A 224 10.13 12.12 -12.74
N LEU A 225 10.79 12.22 -11.60
CA LEU A 225 10.42 13.22 -10.60
C LEU A 225 11.61 14.07 -10.17
N GLU A 226 11.42 15.38 -10.12
CA GLU A 226 12.41 16.27 -9.55
C GLU A 226 11.85 16.94 -8.30
N TYR A 227 12.44 16.64 -7.16
CA TYR A 227 12.00 17.21 -5.89
C TYR A 227 12.82 18.47 -5.62
N ARG A 228 12.19 19.51 -5.08
CA ARG A 228 12.90 20.74 -4.80
C ARG A 228 12.74 21.18 -3.34
N ARG A 229 11.68 20.71 -2.68
CA ARG A 229 11.36 21.19 -1.35
C ARG A 229 10.66 20.14 -0.50
N GLU A 230 10.97 20.13 0.80
CA GLU A 230 10.33 19.23 1.75
C GLU A 230 8.97 19.79 2.16
N CYS A 231 8.14 18.96 2.77
CA CYS A 231 6.87 19.43 3.33
C CYS A 231 6.66 18.95 4.76
N THR A 232 5.86 19.70 5.51
CA THR A 232 5.59 19.39 6.90
C THR A 232 4.12 19.06 7.13
N ARG A 233 3.75 18.95 8.41
CA ARG A 233 2.40 18.54 8.79
C ARG A 233 1.37 19.64 8.52
N ASP A 234 1.84 20.87 8.46
CA ASP A 234 0.98 22.04 8.24
C ASP A 234 1.08 22.53 6.81
N SER A 235 1.52 21.65 5.92
CA SER A 235 1.58 21.97 4.51
C SER A 235 0.22 21.67 3.87
N VAL A 236 -0.17 22.51 2.92
CA VAL A 236 -1.39 22.28 2.17
C VAL A 236 -1.03 22.42 0.70
N LEU A 237 -1.26 21.37 -0.08
CA LEU A 237 -0.69 21.32 -1.41
C LEU A 237 -1.74 21.29 -2.51
N ARG A 238 -1.30 21.65 -3.71
CA ARG A 238 -2.14 21.62 -4.90
C ARG A 238 -1.46 20.72 -5.93
N SER A 239 -2.21 19.77 -6.47
CA SER A 239 -1.69 18.90 -7.50
C SER A 239 -2.17 19.37 -8.86
N LEU A 240 -1.28 19.35 -9.85
CA LEU A 240 -1.63 19.78 -11.19
C LEU A 240 -1.07 18.81 -12.23
N THR A 241 -1.85 18.55 -13.27
CA THR A 241 -1.41 17.67 -14.35
C THR A 241 -1.79 18.26 -15.71
N THR A 242 -0.89 18.15 -16.67
CA THR A 242 -1.15 18.62 -18.03
C THR A 242 -0.85 17.50 -19.03
N VAL A 243 -1.82 17.23 -19.87
CA VAL A 243 -1.77 16.09 -20.76
C VAL A 243 -1.33 16.43 -22.15
N SER A 244 -0.34 15.73 -22.65
CA SER A 244 0.12 15.94 -24.00
C SER A 244 -0.24 14.77 -24.84
N GLY A 245 -1.49 14.77 -25.26
CA GLY A 245 -2.11 13.78 -26.11
C GLY A 245 -1.24 12.95 -27.01
N GLY A 246 -1.70 11.75 -27.26
CA GLY A 246 -1.04 10.86 -28.18
C GLY A 246 -2.03 10.39 -29.20
N SER A 247 -1.89 10.84 -30.43
CA SER A 247 -2.82 10.44 -31.47
C SER A 247 -2.16 10.51 -32.83
N SER A 248 -0.86 10.72 -32.81
CA SER A 248 -0.06 10.82 -34.02
C SER A 248 1.41 10.84 -33.66
N GLU A 249 2.24 10.01 -34.28
CA GLU A 249 3.67 10.03 -33.98
C GLU A 249 3.84 9.90 -32.48
N ALA A 250 3.41 10.96 -31.81
CA ALA A 250 3.61 11.12 -30.37
C ALA A 250 2.77 10.18 -29.49
N GLY A 251 3.41 9.68 -28.43
CA GLY A 251 2.76 8.88 -27.42
C GLY A 251 2.15 9.74 -26.35
N LEU A 252 1.35 9.16 -25.46
CA LEU A 252 0.76 9.88 -24.35
C LEU A 252 1.74 10.38 -23.31
N VAL A 253 1.65 11.64 -22.94
CA VAL A 253 2.55 12.22 -21.95
C VAL A 253 1.81 13.07 -20.95
N CYS A 254 2.17 12.95 -19.70
CA CYS A 254 1.62 13.79 -18.68
C CYS A 254 2.69 14.57 -17.95
N ASP A 255 2.50 15.85 -17.84
CA ASP A 255 3.40 16.63 -16.99
C ASP A 255 2.75 16.89 -15.65
N HIS A 256 3.55 16.99 -14.60
CA HIS A 256 3.02 17.10 -13.25
C HIS A 256 3.66 18.21 -12.43
N LEU A 257 2.95 18.63 -11.39
CA LEU A 257 3.44 19.68 -10.50
C LEU A 257 2.71 19.63 -9.15
N LEU A 258 3.48 19.48 -8.09
CA LEU A 258 2.96 19.69 -6.75
C LEU A 258 3.47 21.04 -6.26
N GLN A 259 2.56 21.91 -5.82
CA GLN A 259 2.97 23.20 -5.30
C GLN A 259 2.36 23.45 -3.93
N LEU A 260 2.96 24.31 -3.15
CA LEU A 260 2.50 24.55 -1.82
C LEU A 260 1.16 25.22 -1.71
N GLU A 261 0.58 25.67 -2.81
CA GLU A 261 -0.75 26.29 -2.76
C GLU A 261 -0.96 27.43 -1.80
N GLY A 262 -0.46 28.61 -2.14
CA GLY A 262 0.30 28.88 -3.35
C GLY A 262 1.51 29.67 -3.12
N GLY A 263 2.48 29.61 -4.01
CA GLY A 263 2.53 28.66 -5.09
C GLY A 263 3.97 28.24 -5.34
N SER A 264 4.70 28.07 -4.28
CA SER A 264 6.07 27.62 -4.36
C SER A 264 6.13 26.13 -4.74
N GLU A 265 6.95 25.82 -5.73
CA GLU A 265 7.01 24.47 -6.28
C GLU A 265 7.55 23.46 -5.28
N VAL A 266 6.84 22.34 -5.13
CA VAL A 266 7.28 21.27 -4.25
C VAL A 266 8.01 20.22 -5.08
N LEU A 267 7.43 19.87 -6.24
CA LEU A 267 8.09 19.00 -7.19
C LEU A 267 7.52 19.17 -8.60
N ARG A 268 8.27 18.72 -9.59
CA ARG A 268 7.76 18.57 -10.94
C ARG A 268 8.01 17.15 -11.38
N ALA A 269 7.15 16.63 -12.24
CA ALA A 269 7.25 15.24 -12.66
C ALA A 269 6.71 15.02 -14.07
N ARG A 270 7.13 13.92 -14.69
CA ARG A 270 6.71 13.62 -16.06
C ARG A 270 6.47 12.12 -16.22
N THR A 271 5.29 11.77 -16.72
CA THR A 271 4.98 10.38 -17.02
C THR A 271 4.81 10.15 -18.51
N GLU A 272 5.38 9.06 -19.00
CA GLU A 272 5.11 8.62 -20.36
C GLU A 272 4.24 7.38 -20.30
N TRP A 273 3.25 7.30 -21.20
CA TRP A 273 2.30 6.20 -21.15
C TRP A 273 2.28 5.42 -22.45
N ARG A 274 1.94 4.14 -22.36
CA ARG A 274 1.77 3.28 -23.52
C ARG A 274 0.42 2.59 -23.41
N PRO A 275 -0.23 2.32 -24.55
CA PRO A 275 -1.50 1.58 -24.52
C PRO A 275 -1.36 0.21 -23.89
N LYS A 276 -2.35 -0.20 -23.10
CA LYS A 276 -2.28 -1.45 -22.36
C LYS A 276 -2.27 -2.65 -23.31
N PHE B 11 4.66 -20.09 2.47
CA PHE B 11 3.24 -20.38 2.62
C PHE B 11 2.95 -21.85 2.37
N GLY B 12 1.91 -22.36 3.03
CA GLY B 12 1.52 -23.75 2.89
C GLY B 12 0.17 -24.07 3.51
N LEU B 13 -0.48 -25.10 2.98
CA LEU B 13 -1.77 -25.56 3.48
C LEU B 13 -1.55 -26.82 4.31
N HIS B 14 -2.23 -26.93 5.46
CA HIS B 14 -2.12 -28.16 6.27
C HIS B 14 -3.27 -28.41 7.25
N GLY B 15 -4.18 -29.35 6.98
CA GLY B 15 -4.54 -29.81 5.65
C GLY B 15 -5.54 -28.85 5.03
N LEU B 16 -6.39 -28.27 5.88
CA LEU B 16 -7.43 -27.33 5.45
C LEU B 16 -7.24 -25.98 6.13
N VAL B 17 -6.11 -25.81 6.82
CA VAL B 17 -5.75 -24.54 7.42
C VAL B 17 -4.53 -24.03 6.69
N PHE B 18 -4.67 -22.88 6.03
CA PHE B 18 -3.57 -22.32 5.28
C PHE B 18 -2.70 -21.46 6.17
N ARG B 19 -1.39 -21.51 5.93
CA ARG B 19 -0.44 -20.73 6.69
C ARG B 19 0.49 -19.95 5.79
N ARG B 20 0.90 -18.78 6.25
CA ARG B 20 1.76 -17.92 5.47
C ARG B 20 2.44 -16.86 6.31
N THR B 21 3.72 -16.65 6.05
CA THR B 21 4.51 -15.67 6.76
C THR B 21 4.58 -14.33 6.04
N PHE B 22 4.43 -13.26 6.82
CA PHE B 22 4.67 -11.92 6.33
C PHE B 22 5.81 -11.29 7.11
N ALA B 23 6.79 -10.75 6.40
CA ALA B 23 7.79 -9.91 7.03
C ALA B 23 7.28 -8.48 6.94
N ILE B 24 7.19 -7.83 8.09
CA ILE B 24 6.64 -6.48 8.15
C ILE B 24 7.49 -5.52 7.33
N ARG B 25 6.84 -4.79 6.44
CA ARG B 25 7.55 -3.85 5.59
C ARG B 25 7.48 -2.46 6.21
N SER B 26 8.39 -1.61 5.78
CA SER B 26 8.53 -0.28 6.34
C SER B 26 7.27 0.58 6.18
N TYR B 27 6.68 0.58 4.98
CA TYR B 27 5.52 1.43 4.71
C TYR B 27 4.25 0.90 5.39
N GLU B 28 4.36 -0.26 6.02
CA GLU B 28 3.24 -0.88 6.69
C GLU B 28 3.24 -0.44 8.14
N VAL B 29 4.31 0.26 8.51
CA VAL B 29 4.53 0.68 9.87
C VAL B 29 4.37 2.19 10.00
N GLY B 30 3.72 2.62 11.08
CA GLY B 30 3.49 4.03 11.31
C GLY B 30 4.67 4.75 11.93
N PRO B 31 4.53 6.08 12.15
CA PRO B 31 5.58 6.89 12.76
C PRO B 31 5.93 6.44 14.19
N ASP B 32 5.01 5.73 14.82
CA ASP B 32 5.22 5.17 16.14
C ASP B 32 5.86 3.79 16.06
N ARG B 33 6.27 3.42 14.85
CA ARG B 33 6.88 2.14 14.57
C ARG B 33 5.92 0.95 14.71
N SER B 34 4.64 1.25 14.89
CA SER B 34 3.62 0.22 14.93
C SER B 34 2.98 -0.03 13.57
N THR B 35 2.78 -1.31 13.24
CA THR B 35 2.02 -1.71 12.07
C THR B 35 0.59 -1.18 12.17
N SER B 36 0.05 -0.70 11.05
CA SER B 36 -1.33 -0.20 11.02
C SER B 36 -2.30 -1.37 10.97
N ILE B 37 -3.53 -1.16 11.42
CA ILE B 37 -4.55 -2.21 11.36
C ILE B 37 -4.90 -2.60 9.92
N LEU B 38 -4.69 -1.68 8.98
CA LEU B 38 -4.97 -1.90 7.55
C LEU B 38 -3.93 -2.78 6.88
N ALA B 39 -2.71 -2.76 7.41
CA ALA B 39 -1.68 -3.65 6.94
C ALA B 39 -2.01 -5.07 7.35
N VAL B 40 -2.56 -5.20 8.55
CA VAL B 40 -3.01 -6.49 9.06
C VAL B 40 -4.15 -7.02 8.19
N MET B 41 -5.08 -6.13 7.86
CA MET B 41 -6.21 -6.50 7.02
C MET B 41 -5.78 -6.74 5.58
N ASN B 42 -4.74 -6.04 5.13
CA ASN B 42 -4.12 -6.33 3.85
C ASN B 42 -3.57 -7.75 3.81
N HIS B 43 -2.95 -8.16 4.92
CA HIS B 43 -2.38 -9.49 5.04
C HIS B 43 -3.46 -10.57 4.91
N MET B 44 -4.58 -10.35 5.58
CA MET B 44 -5.66 -11.33 5.59
C MET B 44 -6.37 -11.45 4.24
N GLN B 45 -6.51 -10.32 3.53
CA GLN B 45 -7.04 -10.37 2.17
C GLN B 45 -6.18 -11.28 1.32
N GLU B 46 -4.88 -11.12 1.50
CA GLU B 46 -3.90 -11.92 0.78
C GLU B 46 -3.97 -13.39 1.20
N ALA B 47 -4.10 -13.64 2.50
CA ALA B 47 -4.20 -15.01 3.01
C ALA B 47 -5.52 -15.66 2.57
N THR B 48 -6.57 -14.85 2.48
CA THR B 48 -7.86 -15.28 1.94
C THR B 48 -7.71 -15.97 0.59
N LEU B 49 -7.16 -15.26 -0.39
CA LEU B 49 -7.04 -15.77 -1.75
C LEU B 49 -6.11 -16.98 -1.86
N ASN B 50 -5.06 -17.00 -1.04
CA ASN B 50 -4.13 -18.13 -1.01
C ASN B 50 -4.81 -19.39 -0.53
N HIS B 51 -5.60 -19.23 0.53
CA HIS B 51 -6.37 -20.33 1.07
C HIS B 51 -7.30 -20.85 0.00
N ALA B 52 -8.07 -19.93 -0.59
CA ALA B 52 -9.04 -20.25 -1.62
C ALA B 52 -8.43 -21.05 -2.77
N LYS B 53 -7.26 -20.63 -3.24
CA LYS B 53 -6.58 -21.32 -4.32
C LYS B 53 -6.17 -22.74 -3.94
N SER B 54 -5.71 -22.90 -2.70
CA SER B 54 -5.15 -24.16 -2.24
C SER B 54 -6.24 -25.19 -1.94
N VAL B 55 -7.45 -24.74 -1.68
CA VAL B 55 -8.56 -25.66 -1.44
C VAL B 55 -9.40 -25.75 -2.70
N GLY B 56 -8.94 -25.05 -3.73
CA GLY B 56 -9.57 -25.05 -5.04
C GLY B 56 -10.94 -24.40 -5.10
N ILE B 57 -11.09 -23.25 -4.45
CA ILE B 57 -12.36 -22.53 -4.52
C ILE B 57 -12.18 -21.11 -5.08
N LEU B 58 -11.01 -20.84 -5.67
CA LEU B 58 -10.68 -19.48 -6.08
C LEU B 58 -11.58 -19.06 -7.24
N GLY B 59 -11.89 -20.02 -8.10
CA GLY B 59 -12.73 -19.78 -9.26
C GLY B 59 -12.17 -18.77 -10.26
N ASP B 60 -12.90 -17.68 -10.44
CA ASP B 60 -12.52 -16.62 -11.37
C ASP B 60 -11.31 -15.79 -10.93
N GLY B 61 -10.65 -16.21 -9.85
CA GLY B 61 -9.51 -15.47 -9.34
C GLY B 61 -9.76 -14.68 -8.05
N PHE B 62 -11.00 -14.70 -7.58
CA PHE B 62 -11.42 -13.86 -6.45
C PHE B 62 -12.50 -14.52 -5.59
N GLY B 63 -12.81 -15.77 -5.86
CA GLY B 63 -13.72 -16.51 -5.00
C GLY B 63 -15.10 -16.78 -5.56
N THR B 64 -15.27 -16.64 -6.86
CA THR B 64 -16.55 -16.98 -7.45
C THR B 64 -16.36 -18.23 -8.30
N THR B 65 -16.90 -19.32 -7.78
CA THR B 65 -16.69 -20.65 -8.35
C THR B 65 -17.44 -20.82 -9.67
N LEU B 66 -17.24 -21.99 -10.29
CA LEU B 66 -17.92 -22.29 -11.53
C LEU B 66 -19.43 -22.37 -11.33
N GLU B 67 -19.86 -23.02 -10.25
CA GLU B 67 -21.29 -23.22 -10.00
C GLU B 67 -21.98 -21.94 -9.54
N MET B 68 -21.20 -21.07 -8.91
CA MET B 68 -21.70 -19.77 -8.47
C MET B 68 -22.01 -18.85 -9.65
N SER B 69 -21.07 -18.73 -10.59
CA SER B 69 -21.20 -17.82 -11.71
C SER B 69 -22.34 -18.19 -12.64
N LYS B 70 -22.55 -19.50 -12.81
CA LYS B 70 -23.63 -20.01 -13.65
C LYS B 70 -24.99 -19.58 -13.10
N ARG B 71 -25.07 -19.41 -11.80
CA ARG B 71 -26.32 -19.03 -11.14
C ARG B 71 -26.30 -17.54 -10.79
N ASP B 72 -25.37 -16.82 -11.41
CA ASP B 72 -25.14 -15.39 -11.15
C ASP B 72 -25.00 -15.07 -9.67
N LEU B 73 -24.26 -15.91 -8.96
CA LEU B 73 -24.02 -15.71 -7.54
C LEU B 73 -22.57 -15.29 -7.26
N MET B 74 -22.39 -14.44 -6.25
CA MET B 74 -21.06 -14.08 -5.78
C MET B 74 -21.10 -13.94 -4.27
N TRP B 75 -19.94 -14.08 -3.63
CA TRP B 75 -19.86 -13.87 -2.18
C TRP B 75 -19.87 -12.39 -1.84
N VAL B 76 -20.55 -12.05 -0.76
CA VAL B 76 -20.52 -10.69 -0.22
C VAL B 76 -20.27 -10.71 1.28
N VAL B 77 -19.29 -9.93 1.73
CA VAL B 77 -18.97 -9.84 3.14
C VAL B 77 -20.00 -8.98 3.85
N ARG B 78 -20.54 -9.47 4.96
CA ARG B 78 -21.59 -8.77 5.68
C ARG B 78 -21.17 -8.33 7.07
N ARG B 79 -20.23 -9.06 7.67
CA ARG B 79 -19.69 -8.63 8.96
C ARG B 79 -18.22 -9.02 9.12
N THR B 80 -17.45 -8.14 9.73
CA THR B 80 -16.05 -8.41 10.03
C THR B 80 -15.72 -7.94 11.44
N HIS B 81 -15.10 -8.80 12.23
CA HIS B 81 -14.59 -8.40 13.53
C HIS B 81 -13.11 -8.74 13.67
N VAL B 82 -12.32 -7.72 14.00
CA VAL B 82 -10.88 -7.91 14.17
C VAL B 82 -10.47 -7.60 15.59
N ALA B 83 -9.81 -8.56 16.24
CA ALA B 83 -9.29 -8.35 17.58
C ALA B 83 -7.77 -8.29 17.54
N VAL B 84 -7.21 -7.19 18.00
CA VAL B 84 -5.77 -7.02 18.00
C VAL B 84 -5.22 -6.92 19.42
N GLU B 85 -4.39 -7.88 19.80
CA GLU B 85 -3.73 -7.84 21.09
C GLU B 85 -2.53 -6.88 21.00
N ARG B 86 -1.60 -7.14 20.09
CA ARG B 86 -0.44 -6.27 19.92
C ARG B 86 -0.13 -6.16 18.43
N TYR B 87 0.19 -4.94 17.98
CA TYR B 87 0.67 -4.71 16.63
C TYR B 87 2.16 -5.01 16.55
N PRO B 88 2.56 -5.78 15.54
CA PRO B 88 3.98 -6.08 15.32
C PRO B 88 4.71 -4.81 14.89
N THR B 89 6.03 -4.80 14.98
CA THR B 89 6.79 -3.64 14.57
C THR B 89 7.70 -3.99 13.40
N TRP B 90 8.42 -3.01 12.87
CA TRP B 90 9.30 -3.25 11.72
C TRP B 90 10.39 -4.26 12.09
N GLY B 91 10.63 -5.22 11.21
CA GLY B 91 11.61 -6.26 11.45
C GLY B 91 10.98 -7.53 11.98
N ASP B 92 9.78 -7.40 12.57
CA ASP B 92 9.01 -8.56 12.99
C ASP B 92 8.57 -9.40 11.80
N THR B 93 8.54 -10.71 11.98
CA THR B 93 7.97 -11.62 10.99
C THR B 93 6.73 -12.26 11.62
N VAL B 94 5.61 -12.21 10.92
CA VAL B 94 4.37 -12.77 11.45
C VAL B 94 3.89 -13.93 10.61
N GLU B 95 3.08 -14.79 11.19
CA GLU B 95 2.51 -15.92 10.47
C GLU B 95 0.99 -15.91 10.55
N VAL B 96 0.34 -15.93 9.39
CA VAL B 96 -1.11 -15.90 9.31
C VAL B 96 -1.73 -17.29 9.09
N GLU B 97 -2.71 -17.62 9.92
CA GLU B 97 -3.50 -18.84 9.78
C GLU B 97 -4.91 -18.51 9.29
N CYS B 98 -5.33 -19.14 8.20
CA CYS B 98 -6.67 -18.88 7.67
C CYS B 98 -7.40 -20.16 7.29
N TRP B 99 -8.72 -20.14 7.46
CA TRP B 99 -9.57 -21.27 7.11
C TRP B 99 -11.02 -20.83 6.98
N ILE B 100 -11.86 -21.70 6.44
CA ILE B 100 -13.28 -21.41 6.31
C ILE B 100 -14.13 -22.45 7.03
N GLY B 101 -15.40 -22.11 7.24
CA GLY B 101 -16.34 -22.99 7.91
C GLY B 101 -17.76 -22.55 7.64
N ALA B 102 -18.72 -23.42 7.93
CA ALA B 102 -20.12 -23.05 7.75
C ALA B 102 -20.51 -22.02 8.79
N SER B 103 -21.45 -21.14 8.43
CA SER B 103 -21.98 -20.16 9.37
C SER B 103 -23.48 -20.04 9.20
N GLY B 104 -24.23 -20.75 10.03
CA GLY B 104 -25.66 -20.91 9.83
C GLY B 104 -25.94 -21.75 8.60
N ASN B 105 -27.15 -21.62 8.05
CA ASN B 105 -27.56 -22.47 6.94
C ASN B 105 -27.09 -21.98 5.57
N ASN B 106 -26.84 -20.68 5.45
CA ASN B 106 -26.52 -20.10 4.16
C ASN B 106 -25.38 -19.09 4.20
N GLY B 107 -24.62 -19.10 5.29
CA GLY B 107 -23.47 -18.22 5.42
C GLY B 107 -22.16 -18.98 5.48
N MET B 108 -21.08 -18.30 5.12
CA MET B 108 -19.74 -18.86 5.23
C MET B 108 -18.85 -17.93 6.04
N ARG B 109 -18.11 -18.51 6.99
CA ARG B 109 -17.21 -17.71 7.80
C ARG B 109 -15.76 -17.98 7.45
N ARG B 110 -14.97 -16.91 7.41
CA ARG B 110 -13.53 -17.02 7.23
C ARG B 110 -12.84 -16.51 8.49
N ASP B 111 -12.00 -17.33 9.10
CA ASP B 111 -11.35 -16.94 10.35
C ASP B 111 -9.84 -16.91 10.24
N PHE B 112 -9.22 -16.05 11.04
CA PHE B 112 -7.80 -15.77 10.94
C PHE B 112 -7.09 -15.75 12.29
N LEU B 113 -5.88 -16.31 12.31
CA LEU B 113 -4.99 -16.18 13.45
C LEU B 113 -3.64 -15.67 12.97
N VAL B 114 -3.16 -14.58 13.57
CA VAL B 114 -1.85 -14.05 13.21
C VAL B 114 -0.89 -14.15 14.38
N ARG B 115 0.21 -14.87 14.18
CA ARG B 115 1.18 -15.10 15.23
C ARG B 115 2.54 -14.49 14.94
N ASP B 116 3.25 -14.10 15.99
CA ASP B 116 4.64 -13.70 15.89
C ASP B 116 5.50 -14.95 15.82
N CYS B 117 6.26 -15.09 14.74
CA CYS B 117 7.05 -16.29 14.48
C CYS B 117 8.08 -16.61 15.57
N LYS B 118 8.54 -15.60 16.30
CA LYS B 118 9.54 -15.84 17.34
C LYS B 118 8.93 -16.30 18.66
N THR B 119 7.89 -15.60 19.11
CA THR B 119 7.27 -15.90 20.39
C THR B 119 6.07 -16.84 20.26
N GLY B 120 5.53 -16.92 19.05
CA GLY B 120 4.35 -17.73 18.80
C GLY B 120 3.06 -17.20 19.39
N GLU B 121 3.11 -16.04 20.04
CA GLU B 121 1.89 -15.43 20.59
C GLU B 121 0.96 -14.96 19.48
N ILE B 122 -0.33 -15.08 19.73
CA ILE B 122 -1.34 -14.57 18.82
C ILE B 122 -1.44 -13.05 18.92
N LEU B 123 -1.30 -12.38 17.79
CA LEU B 123 -1.34 -10.93 17.72
C LEU B 123 -2.73 -10.45 17.34
N THR B 124 -3.36 -11.15 16.41
CA THR B 124 -4.66 -10.75 15.89
C THR B 124 -5.58 -11.94 15.65
N ARG B 125 -6.84 -11.79 16.05
CA ARG B 125 -7.86 -12.78 15.74
C ARG B 125 -9.00 -12.09 14.98
N CYS B 126 -9.50 -12.76 13.95
CA CYS B 126 -10.52 -12.16 13.09
C CYS B 126 -11.46 -13.18 12.50
N THR B 127 -12.68 -12.76 12.23
CA THR B 127 -13.64 -13.57 11.49
C THR B 127 -14.54 -12.70 10.60
N SER B 128 -14.80 -13.17 9.39
CA SER B 128 -15.67 -12.47 8.46
C SER B 128 -16.79 -13.37 7.98
N LEU B 129 -18.01 -12.83 7.95
CA LEU B 129 -19.17 -13.59 7.49
C LEU B 129 -19.56 -13.20 6.07
N SER B 130 -19.65 -14.18 5.19
CA SER B 130 -20.09 -13.94 3.81
C SER B 130 -21.37 -14.69 3.48
N VAL B 131 -22.13 -14.13 2.56
CA VAL B 131 -23.36 -14.77 2.08
C VAL B 131 -23.42 -14.68 0.56
N LEU B 132 -24.24 -15.52 -0.06
CA LEU B 132 -24.39 -15.49 -1.51
C LEU B 132 -25.40 -14.44 -1.92
N MET B 133 -25.07 -13.69 -2.96
CA MET B 133 -25.99 -12.70 -3.48
C MET B 133 -26.13 -12.80 -4.99
N ASN B 134 -27.37 -12.70 -5.47
CA ASN B 134 -27.63 -12.64 -6.90
C ASN B 134 -27.26 -11.27 -7.44
N THR B 135 -26.36 -11.23 -8.41
CA THR B 135 -25.86 -9.96 -8.94
C THR B 135 -26.91 -9.25 -9.79
N ARG B 136 -27.80 -10.03 -10.40
CA ARG B 136 -28.85 -9.48 -11.24
C ARG B 136 -30.03 -8.96 -10.42
N THR B 137 -30.61 -9.81 -9.58
CA THR B 137 -31.83 -9.49 -8.84
C THR B 137 -31.55 -8.75 -7.52
N ARG B 138 -30.28 -8.57 -7.19
CA ARG B 138 -29.84 -7.98 -5.92
C ARG B 138 -30.43 -8.65 -4.71
N ARG B 139 -30.66 -9.95 -4.80
CA ARG B 139 -31.30 -10.63 -3.70
C ARG B 139 -30.37 -11.67 -3.12
N LEU B 140 -30.31 -11.72 -1.80
CA LEU B 140 -29.52 -12.73 -1.11
C LEU B 140 -30.07 -14.10 -1.50
N SER B 141 -29.16 -15.05 -1.68
CA SER B 141 -29.55 -16.39 -2.08
C SER B 141 -29.09 -17.43 -1.08
N THR B 142 -29.84 -18.52 -1.00
CA THR B 142 -29.42 -19.68 -0.24
C THR B 142 -28.22 -20.32 -0.95
N ILE B 143 -27.54 -21.24 -0.27
CA ILE B 143 -26.41 -21.92 -0.88
C ILE B 143 -26.87 -23.17 -1.61
N PRO B 144 -26.76 -23.17 -2.95
CA PRO B 144 -27.14 -24.36 -3.71
C PRO B 144 -26.21 -25.52 -3.39
N ASP B 145 -26.71 -26.74 -3.49
CA ASP B 145 -25.94 -27.93 -3.16
C ASP B 145 -24.69 -28.05 -4.04
N GLU B 146 -24.80 -27.56 -5.27
CA GLU B 146 -23.69 -27.60 -6.22
C GLU B 146 -22.52 -26.72 -5.76
N VAL B 147 -22.82 -25.65 -5.04
CA VAL B 147 -21.78 -24.77 -4.52
C VAL B 147 -21.26 -25.28 -3.19
N ARG B 148 -22.16 -25.83 -2.37
CA ARG B 148 -21.76 -26.45 -1.11
C ARG B 148 -20.86 -27.65 -1.40
N GLY B 149 -21.11 -28.31 -2.53
CA GLY B 149 -20.27 -29.41 -2.97
C GLY B 149 -18.87 -28.95 -3.29
N GLU B 150 -18.73 -27.66 -3.61
CA GLU B 150 -17.43 -27.10 -3.93
C GLU B 150 -16.63 -26.69 -2.70
N ILE B 151 -17.28 -25.98 -1.78
CA ILE B 151 -16.58 -25.40 -0.63
C ILE B 151 -16.76 -26.22 0.65
N GLY B 152 -17.85 -26.98 0.72
CA GLY B 152 -18.17 -27.78 1.87
C GLY B 152 -17.08 -28.68 2.46
N PRO B 153 -16.37 -29.44 1.60
CA PRO B 153 -15.29 -30.29 2.12
C PRO B 153 -14.12 -29.52 2.70
N ALA B 154 -14.11 -28.21 2.55
CA ALA B 154 -13.03 -27.37 3.10
C ALA B 154 -13.42 -26.82 4.47
N PHE B 155 -14.67 -27.02 4.86
CA PHE B 155 -15.16 -26.50 6.14
C PHE B 155 -14.48 -27.19 7.32
N ILE B 156 -14.12 -26.38 8.32
CA ILE B 156 -13.74 -26.90 9.64
C ILE B 156 -14.42 -26.07 10.72
N ASP B 157 -14.51 -26.62 11.92
CA ASP B 157 -15.36 -26.07 12.97
C ASP B 157 -14.68 -25.10 13.92
N ASN B 158 -13.36 -24.96 13.81
CA ASN B 158 -12.61 -24.06 14.68
C ASN B 158 -13.06 -22.61 14.54
N VAL B 159 -12.94 -21.84 15.63
CA VAL B 159 -13.19 -20.41 15.56
C VAL B 159 -11.98 -19.66 16.13
N ALA B 160 -11.66 -18.53 15.52
CA ALA B 160 -10.62 -17.65 16.02
C ALA B 160 -11.24 -16.59 16.92
N VAL B 161 -12.54 -16.37 16.72
CA VAL B 161 -13.29 -15.36 17.44
C VAL B 161 -14.61 -15.94 17.90
N LYS B 162 -14.87 -15.87 19.20
CA LYS B 162 -16.09 -16.44 19.74
C LYS B 162 -17.27 -15.51 19.51
N ASP B 163 -18.43 -16.11 19.32
CA ASP B 163 -19.69 -15.38 19.15
C ASP B 163 -19.86 -14.35 20.25
N ASP B 164 -19.53 -14.77 21.48
CA ASP B 164 -19.52 -13.92 22.66
C ASP B 164 -18.92 -12.54 22.46
N GLU B 165 -17.81 -12.48 21.74
CA GLU B 165 -17.00 -11.26 21.62
C GLU B 165 -17.57 -10.25 20.62
N ILE B 166 -18.49 -10.71 19.77
CA ILE B 166 -19.03 -9.84 18.71
C ILE B 166 -20.40 -9.28 19.10
N LYS B 167 -20.46 -7.96 19.20
CA LYS B 167 -21.70 -7.27 19.56
C LYS B 167 -22.35 -6.66 18.34
N LYS B 168 -23.68 -6.75 18.26
CA LYS B 168 -24.44 -6.10 17.20
C LYS B 168 -24.26 -4.59 17.30
N LEU B 169 -24.09 -3.93 16.17
CA LEU B 169 -23.78 -2.51 16.17
C LEU B 169 -25.03 -1.66 16.03
N GLN B 170 -25.07 -0.58 16.79
CA GLN B 170 -26.11 0.43 16.67
C GLN B 170 -25.61 1.57 15.79
N LYS B 171 -26.44 1.99 14.83
CA LYS B 171 -26.14 3.15 14.01
C LYS B 171 -26.02 4.40 14.87
N LEU B 172 -24.99 5.21 14.61
CA LEU B 172 -24.83 6.47 15.33
C LEU B 172 -25.86 7.46 14.80
N ASN B 173 -26.25 8.41 15.65
CA ASN B 173 -27.11 9.48 15.18
C ASN B 173 -26.30 10.38 14.25
N ASP B 174 -26.62 10.35 12.96
CA ASP B 174 -25.84 11.06 11.95
C ASP B 174 -26.00 12.57 12.08
N SER B 175 -26.99 13.00 12.87
CA SER B 175 -27.23 14.41 13.12
C SER B 175 -26.46 14.91 14.33
N THR B 176 -25.77 14.00 15.02
CA THR B 176 -24.99 14.38 16.20
C THR B 176 -23.55 13.89 16.10
N ALA B 177 -23.07 13.71 14.88
CA ALA B 177 -21.73 13.16 14.66
C ALA B 177 -20.64 14.18 14.97
N ASP B 178 -19.63 13.75 15.73
CA ASP B 178 -18.51 14.60 16.12
C ASP B 178 -17.66 15.01 14.91
N TYR B 179 -17.53 14.11 13.94
CA TYR B 179 -16.74 14.38 12.75
C TYR B 179 -17.46 13.89 11.50
N ILE B 180 -17.49 14.74 10.48
CA ILE B 180 -18.21 14.43 9.25
C ILE B 180 -17.38 14.86 8.04
N GLN B 181 -17.37 14.03 7.01
CA GLN B 181 -16.65 14.34 5.78
C GLN B 181 -17.38 13.75 4.57
N GLY B 182 -17.84 14.63 3.69
CA GLY B 182 -18.57 14.21 2.51
C GLY B 182 -17.71 14.34 1.29
N GLY B 183 -18.30 14.10 0.12
CA GLY B 183 -17.58 14.24 -1.14
C GLY B 183 -16.59 13.11 -1.36
N LEU B 184 -16.67 12.07 -0.56
CA LEU B 184 -15.81 10.91 -0.73
C LEU B 184 -16.23 10.17 -1.99
N THR B 185 -15.30 10.02 -2.92
CA THR B 185 -15.62 9.42 -4.21
C THR B 185 -14.53 8.41 -4.61
N PRO B 186 -14.96 7.28 -5.18
CA PRO B 186 -14.04 6.21 -5.59
C PRO B 186 -13.39 6.49 -6.94
N ARG B 187 -12.16 6.03 -7.09
CA ARG B 187 -11.46 6.13 -8.38
C ARG B 187 -11.38 4.76 -9.04
N TRP B 188 -10.90 4.73 -10.28
CA TRP B 188 -10.82 3.51 -11.07
C TRP B 188 -10.08 2.40 -10.32
N ASN B 189 -9.01 2.78 -9.64
CA ASN B 189 -8.16 1.83 -8.93
C ASN B 189 -8.80 1.35 -7.62
N ASP B 190 -9.86 2.03 -7.21
CA ASP B 190 -10.57 1.67 -5.98
C ASP B 190 -11.61 0.59 -6.25
N LEU B 191 -11.76 0.22 -7.50
CA LEU B 191 -12.81 -0.69 -7.94
C LEU B 191 -12.34 -2.13 -8.10
N ASP B 192 -13.28 -3.07 -7.99
CA ASP B 192 -12.95 -4.48 -8.15
C ASP B 192 -13.30 -4.97 -9.55
N VAL B 193 -13.26 -6.28 -9.75
CA VAL B 193 -13.52 -6.88 -11.06
C VAL B 193 -14.91 -6.56 -11.59
N ASN B 194 -15.88 -6.40 -10.70
CA ASN B 194 -17.25 -6.17 -11.16
C ASN B 194 -17.79 -4.80 -10.75
N GLN B 195 -16.97 -3.77 -10.95
CA GLN B 195 -17.45 -2.39 -10.93
C GLN B 195 -17.74 -1.88 -9.50
N HIS B 196 -17.51 -2.72 -8.49
CA HIS B 196 -17.88 -2.38 -7.12
C HIS B 196 -16.64 -1.92 -6.37
N VAL B 197 -16.80 -1.04 -5.38
CA VAL B 197 -15.65 -0.53 -4.67
C VAL B 197 -15.11 -1.56 -3.67
N ASN B 198 -13.78 -1.66 -3.63
CA ASN B 198 -13.08 -2.57 -2.74
C ASN B 198 -13.42 -2.32 -1.26
N ASN B 199 -13.58 -3.40 -0.50
CA ASN B 199 -13.86 -3.29 0.93
C ASN B 199 -12.80 -2.57 1.75
N LEU B 200 -11.53 -2.64 1.36
CA LEU B 200 -10.50 -1.94 2.11
C LEU B 200 -10.48 -0.46 1.79
N LYS B 201 -11.17 -0.07 0.72
CA LYS B 201 -11.39 1.34 0.44
C LYS B 201 -12.36 1.91 1.48
N TYR B 202 -13.36 1.12 1.84
CA TYR B 202 -14.32 1.50 2.89
C TYR B 202 -13.64 1.80 4.21
N VAL B 203 -12.70 0.93 4.60
CA VAL B 203 -11.97 1.09 5.85
C VAL B 203 -11.21 2.40 5.87
N ALA B 204 -10.62 2.76 4.73
CA ALA B 204 -9.92 4.02 4.59
C ALA B 204 -10.87 5.19 4.82
N TRP B 205 -12.05 5.09 4.22
CA TRP B 205 -13.09 6.10 4.38
C TRP B 205 -13.61 6.18 5.81
N VAL B 206 -13.62 5.04 6.50
CA VAL B 206 -14.01 5.01 7.91
C VAL B 206 -13.07 5.84 8.76
N PHE B 207 -11.77 5.67 8.53
CA PHE B 207 -10.75 6.34 9.34
C PHE B 207 -10.56 7.79 8.94
N GLU B 208 -11.15 8.18 7.81
CA GLU B 208 -11.12 9.57 7.35
C GLU B 208 -11.60 10.55 8.42
N THR B 209 -12.62 10.16 9.19
CA THR B 209 -13.20 11.06 10.17
C THR B 209 -12.78 10.73 11.60
N VAL B 210 -11.75 9.90 11.73
CA VAL B 210 -11.10 9.73 13.02
C VAL B 210 -9.97 10.75 13.08
N PRO B 211 -10.01 11.64 14.08
CA PRO B 211 -9.02 12.71 14.18
C PRO B 211 -7.63 12.15 14.49
N ASP B 212 -6.60 12.79 13.95
CA ASP B 212 -5.22 12.35 14.16
C ASP B 212 -4.88 12.18 15.64
N SER B 213 -5.55 12.95 16.49
CA SER B 213 -5.29 12.92 17.93
C SER B 213 -5.53 11.56 18.56
N ILE B 214 -6.44 10.78 18.00
CA ILE B 214 -6.73 9.45 18.53
C ILE B 214 -5.70 8.43 18.05
N PHE B 215 -5.27 8.58 16.81
CA PHE B 215 -4.22 7.73 16.25
C PHE B 215 -2.90 7.94 16.97
N GLU B 216 -2.67 9.17 17.44
CA GLU B 216 -1.46 9.53 18.14
C GLU B 216 -1.45 8.96 19.56
N SER B 217 -2.62 8.95 20.20
CA SER B 217 -2.72 8.55 21.60
C SER B 217 -3.00 7.06 21.79
N HIS B 218 -3.79 6.48 20.90
CA HIS B 218 -4.30 5.12 21.10
C HIS B 218 -4.02 4.15 19.95
N HIS B 219 -4.03 2.86 20.29
CA HIS B 219 -4.02 1.78 19.30
C HIS B 219 -5.41 1.15 19.22
N ILE B 220 -5.83 0.77 18.02
CA ILE B 220 -7.07 0.03 17.88
C ILE B 220 -6.93 -1.37 18.48
N SER B 221 -7.83 -1.71 19.40
CA SER B 221 -7.83 -3.04 19.99
C SER B 221 -8.95 -3.90 19.40
N SER B 222 -10.00 -3.24 18.91
CA SER B 222 -11.14 -3.94 18.33
C SER B 222 -11.72 -3.18 17.16
N PHE B 223 -12.13 -3.91 16.13
CA PHE B 223 -12.71 -3.32 14.94
C PHE B 223 -13.85 -4.20 14.43
N THR B 224 -15.06 -3.66 14.41
CA THR B 224 -16.22 -4.40 13.96
C THR B 224 -16.91 -3.66 12.83
N LEU B 225 -17.17 -4.36 11.73
CA LEU B 225 -17.82 -3.75 10.58
C LEU B 225 -19.03 -4.54 10.14
N GLU B 226 -20.14 -3.84 9.91
CA GLU B 226 -21.32 -4.45 9.31
C GLU B 226 -21.63 -3.77 7.98
N TYR B 227 -21.56 -4.54 6.91
CA TYR B 227 -21.82 -4.00 5.59
C TYR B 227 -23.26 -4.19 5.18
N ARG B 228 -23.79 -3.27 4.43
CA ARG B 228 -25.18 -3.28 4.08
C ARG B 228 -25.37 -3.19 2.62
N ARG B 229 -24.47 -2.54 1.93
CA ARG B 229 -24.70 -2.11 0.59
C ARG B 229 -23.39 -1.92 -0.15
N GLU B 230 -23.41 -2.08 -1.46
CA GLU B 230 -22.22 -1.87 -2.25
C GLU B 230 -22.28 -0.49 -2.88
N CYS B 231 -21.16 -0.02 -3.40
CA CYS B 231 -21.15 1.26 -4.08
C CYS B 231 -20.58 1.10 -5.45
N THR B 232 -20.89 2.02 -6.33
CA THR B 232 -20.44 1.95 -7.71
C THR B 232 -19.47 3.08 -8.04
N ARG B 233 -19.15 3.21 -9.33
CA ARG B 233 -18.18 4.20 -9.79
C ARG B 233 -18.74 5.61 -9.67
N ASP B 234 -20.07 5.72 -9.66
CA ASP B 234 -20.71 7.02 -9.61
C ASP B 234 -21.27 7.32 -8.22
N SER B 235 -20.72 6.66 -7.21
CA SER B 235 -21.15 6.87 -5.83
C SER B 235 -20.45 8.05 -5.17
N VAL B 236 -21.18 8.75 -4.31
CA VAL B 236 -20.62 9.85 -3.51
C VAL B 236 -21.00 9.64 -2.06
N LEU B 237 -20.00 9.51 -1.19
CA LEU B 237 -20.24 9.04 0.16
C LEU B 237 -19.85 10.05 1.25
N ARG B 238 -20.43 9.86 2.42
CA ARG B 238 -20.14 10.68 3.59
C ARG B 238 -19.68 9.82 4.76
N SER B 239 -18.55 10.17 5.36
CA SER B 239 -18.05 9.45 6.53
C SER B 239 -18.39 10.19 7.81
N LEU B 240 -18.79 9.44 8.83
CA LEU B 240 -19.15 10.03 10.11
C LEU B 240 -18.57 9.22 11.26
N THR B 241 -18.10 9.93 12.29
CA THR B 241 -17.56 9.29 13.47
C THR B 241 -18.07 10.00 14.72
N THR B 242 -18.44 9.23 15.74
CA THR B 242 -18.86 9.79 17.00
C THR B 242 -18.02 9.15 18.12
N VAL B 243 -17.35 9.97 18.91
CA VAL B 243 -16.45 9.40 19.91
C VAL B 243 -17.09 9.42 21.30
N SER B 244 -17.20 8.22 21.87
CA SER B 244 -17.73 8.06 23.22
C SER B 244 -16.75 7.28 24.09
N GLY B 245 -15.82 7.97 24.75
CA GLY B 245 -14.76 7.29 25.47
C GLY B 245 -15.26 6.44 26.62
N GLY B 246 -14.38 5.63 27.20
CA GLY B 246 -12.97 5.62 26.85
C GLY B 246 -12.42 4.24 26.55
N SER B 247 -12.00 4.07 25.29
CA SER B 247 -12.22 5.08 24.28
C SER B 247 -12.83 4.47 23.01
N SER B 248 -14.13 4.69 22.82
CA SER B 248 -14.87 4.03 21.75
C SER B 248 -15.38 5.02 20.71
N GLU B 249 -15.46 4.58 19.45
CA GLU B 249 -16.10 5.39 18.42
C GLU B 249 -17.01 4.54 17.58
N ALA B 250 -18.04 5.15 17.03
CA ALA B 250 -19.00 4.41 16.25
C ALA B 250 -18.84 4.95 14.85
N GLY B 251 -18.60 4.06 13.90
CA GLY B 251 -18.44 4.44 12.51
C GLY B 251 -19.75 4.43 11.74
N LEU B 252 -19.85 5.31 10.75
CA LEU B 252 -21.01 5.30 9.86
C LEU B 252 -20.62 5.81 8.49
N VAL B 253 -21.05 5.11 7.46
CA VAL B 253 -20.74 5.49 6.10
C VAL B 253 -22.07 5.59 5.38
N CYS B 254 -22.30 6.75 4.78
CA CYS B 254 -23.57 7.21 4.20
C CYS B 254 -23.39 7.41 2.72
N ASP B 255 -24.38 7.07 1.91
CA ASP B 255 -24.41 7.51 0.51
C ASP B 255 -25.26 8.75 0.39
N GLY B 262 -27.59 10.45 -1.31
CA GLY B 262 -28.63 10.67 -0.31
C GLY B 262 -28.09 10.56 1.10
N GLY B 263 -28.67 9.64 1.87
CA GLY B 263 -28.12 9.32 3.19
C GLY B 263 -28.35 7.87 3.58
N SER B 264 -28.47 6.99 2.59
CA SER B 264 -28.70 5.58 2.83
C SER B 264 -27.43 4.92 3.37
N GLU B 265 -27.59 4.12 4.42
CA GLU B 265 -26.44 3.52 5.09
C GLU B 265 -25.70 2.56 4.16
N VAL B 266 -24.39 2.72 4.09
CA VAL B 266 -23.55 1.82 3.31
C VAL B 266 -22.93 0.78 4.25
N LEU B 267 -22.42 1.26 5.39
CA LEU B 267 -21.96 0.37 6.44
C LEU B 267 -21.96 1.12 7.78
N ARG B 268 -21.91 0.34 8.86
CA ARG B 268 -21.68 0.90 10.19
C ARG B 268 -20.49 0.16 10.79
N ALA B 269 -19.75 0.84 11.66
CA ALA B 269 -18.55 0.23 12.22
C ALA B 269 -18.27 0.72 13.63
N ARG B 270 -17.48 -0.06 14.36
CA ARG B 270 -17.16 0.26 15.75
C ARG B 270 -15.72 -0.09 16.07
N THR B 271 -14.99 0.89 16.61
CA THR B 271 -13.63 0.67 17.05
C THR B 271 -13.49 0.85 18.56
N GLU B 272 -12.76 -0.06 19.19
CA GLU B 272 -12.38 0.10 20.58
C GLU B 272 -10.89 0.42 20.65
N TRP B 273 -10.51 1.35 21.51
CA TRP B 273 -9.13 1.79 21.58
C TRP B 273 -8.53 1.63 22.97
N ARG B 274 -7.22 1.44 23.00
CA ARG B 274 -6.46 1.39 24.24
C ARG B 274 -5.26 2.32 24.13
N PRO B 275 -4.88 2.97 25.25
CA PRO B 275 -3.70 3.84 25.27
C PRO B 275 -2.43 3.07 24.90
N LYS B 276 -1.56 3.70 24.12
CA LYS B 276 -0.35 3.05 23.62
C LYS B 276 0.62 2.71 24.75
#